data_6WXJ
#
_entry.id   6WXJ
#
_cell.length_a   80.520
_cell.length_b   80.520
_cell.length_c   144.060
_cell.angle_alpha   90.000
_cell.angle_beta   90.000
_cell.angle_gamma   120.000
#
_symmetry.space_group_name_H-M   'H 3'
#
loop_
_entity.id
_entity.type
_entity.pdbx_description
1 polymer 'Macrophage colony-stimulating factor 1 receptor'
2 non-polymer 4-(3-{[(2S)-2-(6-methoxypyridin-3-yl)-2,3-dihydro-1,4-benzodioxin-6-yl]methyl}-3H-imidazo[4,5-b]pyridin-6-yl)-2-methylbut-3-yn-2-amine
3 water water
#
_entity_poly.entity_id   1
_entity_poly.type   'polypeptide(L)'
_entity_poly.pdbx_seq_one_letter_code
;YKYKQKPKYQVRWKIIESYEGNSYTFIDPTQLPYNEKWEFPRNNLQFGKTLGAGAFGKVVEATAFGLGKEDAVLKVAVKM
LKSTAHADEKEALMSELKIMSHLGQHENIVNLLGACTHGGPVLVITEYCCYGDLLNFLRRKSPPGLEYSYNPSHNPEEQL
SSRDLLHFSSQVAQGMAFLASKNCIHRDVAARNVLLTNGHVAKIGDFGLARDIMNDSNYIVKGNARLPVKWMAPESIFDC
VYTVQSDVWSYGILLWEIFSLGLNPYPGILVNSKFYKLVKDGYQMAQPAFAPKNIYSIMQACWALEPTHRPTFQQICSFL
QEQAQEDRRERD
;
_entity_poly.pdbx_strand_id   A
#
loop_
_chem_comp.id
_chem_comp.type
_chem_comp.name
_chem_comp.formula
UF4 non-polymer 4-(3-{[(2S)-2-(6-methoxypyridin-3-yl)-2,3-dihydro-1,4-benzodioxin-6-yl]methyl}-3H-imidazo[4,5-b]pyridin-6-yl)-2-methylbut-3-yn-2-amine 'C26 H25 N5 O3'
#
# COMPACT_ATOMS: atom_id res chain seq x y z
N ASN A 22 10.77 -13.70 16.15
CA ASN A 22 10.09 -12.52 15.53
C ASN A 22 8.58 -12.77 15.65
N SER A 23 7.87 -12.97 14.54
CA SER A 23 6.42 -13.31 14.53
C SER A 23 6.27 -14.75 14.04
N TYR A 24 5.36 -15.49 14.68
CA TYR A 24 4.91 -16.84 14.28
C TYR A 24 3.52 -16.69 13.66
N THR A 25 3.26 -17.36 12.54
CA THR A 25 1.90 -17.34 11.94
C THR A 25 1.15 -18.59 12.42
N PHE A 26 0.06 -18.36 13.15
CA PHE A 26 -0.84 -19.41 13.69
C PHE A 26 -1.85 -19.78 12.60
N ILE A 27 -2.24 -18.82 11.75
CA ILE A 27 -3.23 -19.03 10.66
C ILE A 27 -2.96 -18.03 9.52
N ASP A 28 -3.37 -18.38 8.29
CA ASP A 28 -3.23 -17.58 7.04
C ASP A 28 -4.61 -17.10 6.60
N PRO A 29 -4.87 -15.77 6.49
CA PRO A 29 -6.24 -15.26 6.27
C PRO A 29 -6.92 -15.44 4.88
N THR A 30 -6.15 -15.78 3.83
CA THR A 30 -6.63 -16.02 2.44
C THR A 30 -7.28 -17.39 2.29
N GLN A 31 -7.24 -18.23 3.35
CA GLN A 31 -7.90 -19.55 3.42
C GLN A 31 -8.90 -19.60 4.59
N LEU A 32 -9.14 -18.48 5.28
CA LEU A 32 -10.22 -18.36 6.31
C LEU A 32 -11.46 -17.75 5.67
N PRO A 33 -12.68 -18.14 6.08
CA PRO A 33 -13.90 -17.64 5.45
C PRO A 33 -14.12 -16.25 6.03
N TYR A 34 -15.11 -15.51 5.51
CA TYR A 34 -15.45 -14.16 6.03
C TYR A 34 -16.00 -14.27 7.46
N ASN A 35 -15.74 -13.25 8.26
CA ASN A 35 -16.27 -13.13 9.64
C ASN A 35 -17.45 -12.15 9.63
N GLU A 36 -18.67 -12.64 9.82
CA GLU A 36 -19.92 -11.86 9.63
C GLU A 36 -20.10 -10.77 10.71
N LYS A 37 -19.16 -10.59 11.63
CA LYS A 37 -19.22 -9.52 12.67
C LYS A 37 -19.01 -8.15 12.02
N TRP A 38 -18.39 -8.17 10.84
CA TRP A 38 -18.02 -6.98 10.04
C TRP A 38 -19.24 -6.40 9.32
N GLU A 39 -20.16 -7.27 8.89
CA GLU A 39 -21.37 -6.93 8.08
C GLU A 39 -22.06 -5.64 8.57
N PHE A 40 -22.39 -4.72 7.64
CA PHE A 40 -23.09 -3.44 7.90
C PHE A 40 -24.13 -3.27 6.80
N PRO A 41 -25.34 -2.71 7.09
CA PRO A 41 -26.47 -2.72 6.16
C PRO A 41 -26.45 -1.53 5.18
N ARG A 42 -26.32 -1.85 3.90
CA ARG A 42 -26.06 -0.85 2.82
C ARG A 42 -27.08 0.30 2.85
N ASN A 43 -28.26 0.13 3.46
CA ASN A 43 -29.35 1.14 3.47
C ASN A 43 -28.94 2.34 4.33
N ASN A 44 -27.93 2.18 5.18
CA ASN A 44 -27.31 3.29 5.96
C ASN A 44 -26.00 3.72 5.28
N LEU A 45 -26.09 4.17 4.03
CA LEU A 45 -24.93 4.40 3.14
C LEU A 45 -25.39 5.13 1.89
N GLN A 46 -25.19 6.45 1.83
CA GLN A 46 -25.48 7.25 0.61
C GLN A 46 -24.14 7.59 -0.07
N PHE A 47 -23.97 7.09 -1.28
CA PHE A 47 -22.81 7.33 -2.16
C PHE A 47 -22.63 8.86 -2.36
N GLY A 48 -21.43 9.35 -2.09
CA GLY A 48 -20.92 10.65 -2.55
C GLY A 48 -20.17 10.46 -3.86
N LYS A 49 -19.20 11.33 -4.14
CA LYS A 49 -18.39 11.32 -5.38
C LYS A 49 -17.49 10.06 -5.39
N THR A 50 -17.40 9.40 -6.55
CA THR A 50 -16.29 8.50 -6.95
C THR A 50 -14.94 9.17 -6.63
N LEU A 51 -14.03 8.38 -6.04
CA LEU A 51 -12.70 8.82 -5.56
C LEU A 51 -11.62 8.18 -6.45
N GLY A 52 -11.94 7.13 -7.20
CA GLY A 52 -10.93 6.45 -8.03
C GLY A 52 -11.57 5.26 -8.69
N ALA A 53 -11.10 4.84 -9.85
CA ALA A 53 -11.78 3.78 -10.60
C ALA A 53 -10.83 3.10 -11.56
N GLY A 54 -11.08 1.83 -11.86
CA GLY A 54 -10.38 1.07 -12.90
C GLY A 54 -11.38 0.55 -13.92
N ALA A 55 -11.02 -0.55 -14.58
CA ALA A 55 -11.82 -1.20 -15.65
C ALA A 55 -12.37 -2.55 -15.13
N PHE A 56 -12.57 -2.68 -13.83
CA PHE A 56 -13.02 -3.93 -13.17
C PHE A 56 -13.61 -3.61 -11.79
N GLY A 57 -13.45 -2.37 -11.29
CA GLY A 57 -13.91 -1.90 -9.96
C GLY A 57 -13.48 -0.47 -9.65
N LYS A 58 -13.87 0.10 -8.50
CA LYS A 58 -13.73 1.54 -8.18
C LYS A 58 -13.92 1.80 -6.67
N VAL A 59 -13.91 3.05 -6.24
CA VAL A 59 -13.84 3.46 -4.80
C VAL A 59 -14.51 4.84 -4.71
N VAL A 60 -15.43 5.06 -3.75
CA VAL A 60 -16.34 6.25 -3.72
C VAL A 60 -16.67 6.66 -2.27
N GLU A 61 -16.68 7.98 -2.00
CA GLU A 61 -17.03 8.58 -0.69
C GLU A 61 -18.44 8.14 -0.38
N ALA A 62 -18.89 8.32 0.86
CA ALA A 62 -20.14 7.71 1.38
C ALA A 62 -20.29 8.07 2.87
N THR A 63 -21.51 8.02 3.40
CA THR A 63 -21.75 8.28 4.83
C THR A 63 -22.46 7.08 5.44
N ALA A 64 -21.78 6.46 6.40
CA ALA A 64 -22.27 5.28 7.15
C ALA A 64 -22.96 5.78 8.41
N PHE A 65 -24.26 5.50 8.53
CA PHE A 65 -25.10 5.96 9.65
C PHE A 65 -25.00 4.89 10.75
N GLY A 66 -24.54 5.32 11.94
CA GLY A 66 -24.42 4.46 13.14
C GLY A 66 -23.50 3.28 12.92
N LEU A 67 -22.18 3.52 12.86
CA LEU A 67 -21.14 2.51 12.53
C LEU A 67 -20.28 2.22 13.77
N GLY A 68 -19.76 1.00 13.90
CA GLY A 68 -18.98 0.54 15.06
C GLY A 68 -19.90 0.09 16.18
N LYS A 69 -19.34 -0.30 17.34
CA LYS A 69 -20.11 -0.70 18.54
C LYS A 69 -20.72 0.55 19.24
N GLU A 70 -20.77 1.73 18.57
CA GLU A 70 -21.42 2.98 19.08
C GLU A 70 -22.16 3.72 17.94
N ASP A 71 -23.42 4.09 18.15
CA ASP A 71 -24.30 4.71 17.12
C ASP A 71 -23.80 6.12 16.81
N ALA A 72 -22.79 6.20 15.96
CA ALA A 72 -22.16 7.42 15.42
C ALA A 72 -22.19 7.33 13.89
N VAL A 73 -22.63 8.40 13.23
CA VAL A 73 -22.49 8.62 11.77
C VAL A 73 -21.01 8.97 11.50
N LEU A 74 -20.51 8.81 10.27
CA LEU A 74 -19.21 9.38 9.79
C LEU A 74 -18.98 9.16 8.28
N LYS A 75 -17.86 9.71 7.78
CA LYS A 75 -17.42 9.66 6.35
C LYS A 75 -16.50 8.46 6.16
N VAL A 76 -16.57 7.80 5.00
CA VAL A 76 -15.87 6.51 4.70
C VAL A 76 -15.56 6.46 3.21
N ALA A 77 -14.88 5.40 2.74
CA ALA A 77 -14.64 5.08 1.31
C ALA A 77 -15.16 3.67 1.07
N VAL A 78 -15.85 3.41 -0.03
CA VAL A 78 -16.32 2.02 -0.26
C VAL A 78 -15.70 1.55 -1.57
N LYS A 79 -14.99 0.41 -1.51
CA LYS A 79 -14.40 -0.26 -2.70
C LYS A 79 -15.49 -1.17 -3.18
N MET A 80 -15.53 -1.46 -4.49
CA MET A 80 -16.61 -2.28 -5.12
C MET A 80 -16.32 -2.55 -6.61
N LEU A 81 -16.88 -3.64 -7.15
CA LEU A 81 -16.73 -4.06 -8.58
C LEU A 81 -17.53 -3.16 -9.52
N LYS A 82 -17.02 -2.98 -10.74
CA LYS A 82 -17.77 -2.42 -11.90
C LYS A 82 -18.54 -3.57 -12.53
N SER A 83 -19.53 -3.23 -13.35
CA SER A 83 -20.17 -4.17 -14.31
C SER A 83 -19.27 -5.40 -14.56
N THR A 84 -18.03 -5.17 -15.03
CA THR A 84 -17.19 -6.05 -15.89
C THR A 84 -16.46 -7.19 -15.14
N ALA A 85 -16.95 -7.63 -13.97
CA ALA A 85 -16.18 -8.54 -13.08
C ALA A 85 -16.58 -9.99 -13.33
N HIS A 86 -15.64 -10.95 -13.20
CA HIS A 86 -15.95 -12.41 -13.06
C HIS A 86 -15.12 -13.08 -11.94
N ALA A 87 -15.14 -14.43 -11.89
CA ALA A 87 -14.66 -15.28 -10.78
C ALA A 87 -13.23 -14.90 -10.40
N ASP A 88 -12.49 -14.34 -11.37
CA ASP A 88 -11.16 -13.71 -11.17
C ASP A 88 -11.24 -12.59 -10.12
N GLU A 89 -11.97 -11.52 -10.44
CA GLU A 89 -11.94 -10.23 -9.67
C GLU A 89 -12.90 -10.34 -8.46
N LYS A 90 -14.17 -10.66 -8.70
CA LYS A 90 -15.21 -10.75 -7.63
C LYS A 90 -14.67 -11.58 -6.45
N GLU A 91 -13.83 -12.59 -6.71
CA GLU A 91 -13.13 -13.37 -5.66
C GLU A 91 -12.02 -12.53 -5.02
N ALA A 92 -11.15 -11.95 -5.86
CA ALA A 92 -9.99 -11.12 -5.44
C ALA A 92 -10.41 -9.98 -4.52
N LEU A 93 -11.66 -9.48 -4.65
CA LEU A 93 -12.23 -8.48 -3.72
C LEU A 93 -12.52 -9.13 -2.36
N MET A 94 -13.19 -10.29 -2.35
CA MET A 94 -13.43 -11.10 -1.15
C MET A 94 -12.12 -11.49 -0.44
N SER A 95 -11.09 -11.88 -1.20
CA SER A 95 -9.72 -12.19 -0.66
C SER A 95 -9.22 -11.00 0.16
N GLU A 96 -9.30 -9.82 -0.45
CA GLU A 96 -8.87 -8.54 0.14
C GLU A 96 -9.70 -8.33 1.39
N LEU A 97 -11.01 -8.52 1.28
CA LEU A 97 -11.97 -8.44 2.40
C LEU A 97 -11.56 -9.38 3.54
N LYS A 98 -11.27 -10.64 3.19
CA LYS A 98 -10.97 -11.72 4.15
C LYS A 98 -9.65 -11.36 4.82
N ILE A 99 -8.60 -11.17 4.03
CA ILE A 99 -7.24 -10.79 4.57
C ILE A 99 -7.39 -9.64 5.57
N MET A 100 -8.28 -8.72 5.27
CA MET A 100 -8.37 -7.43 5.98
C MET A 100 -9.09 -7.62 7.33
N SER A 101 -10.15 -8.45 7.37
CA SER A 101 -10.88 -8.80 8.62
C SER A 101 -9.93 -9.40 9.66
N HIS A 102 -8.84 -10.09 9.26
CA HIS A 102 -7.86 -10.68 10.21
C HIS A 102 -6.74 -9.73 10.65
N LEU A 103 -6.34 -8.71 9.92
CA LEU A 103 -5.30 -7.77 10.46
C LEU A 103 -5.89 -6.93 11.60
N GLY A 104 -7.10 -6.41 11.46
CA GLY A 104 -7.73 -5.48 12.44
C GLY A 104 -6.83 -4.28 12.68
N GLN A 105 -7.30 -3.28 13.43
CA GLN A 105 -6.86 -1.87 13.33
C GLN A 105 -5.36 -1.66 13.58
N HIS A 106 -4.86 -0.47 13.20
CA HIS A 106 -3.47 0.06 13.36
C HIS A 106 -3.43 1.45 12.76
N GLU A 107 -3.01 2.45 13.52
CA GLU A 107 -3.09 3.87 13.10
C GLU A 107 -2.42 4.11 11.74
N ASN A 108 -1.54 3.22 11.25
CA ASN A 108 -0.62 3.53 10.11
C ASN A 108 -0.98 2.71 8.88
N ILE A 109 -2.27 2.44 8.72
CA ILE A 109 -2.83 1.44 7.78
C ILE A 109 -4.23 1.93 7.50
N VAL A 110 -4.72 1.66 6.30
CA VAL A 110 -6.13 1.91 5.91
C VAL A 110 -7.00 0.74 6.37
N ASN A 111 -7.72 0.97 7.48
CA ASN A 111 -8.41 -0.09 8.23
C ASN A 111 -9.79 -0.31 7.62
N LEU A 112 -10.18 -1.59 7.57
CA LEU A 112 -11.58 -2.08 7.43
C LEU A 112 -12.41 -1.60 8.61
N LEU A 113 -13.56 -1.03 8.31
CA LEU A 113 -14.59 -0.61 9.27
C LEU A 113 -15.75 -1.60 9.25
N GLY A 114 -16.29 -1.89 8.04
CA GLY A 114 -17.11 -3.08 7.79
C GLY A 114 -17.24 -3.42 6.32
N ALA A 115 -18.13 -4.36 6.02
CA ALA A 115 -18.46 -4.84 4.67
C ALA A 115 -19.98 -4.98 4.56
N CYS A 116 -20.44 -5.14 3.32
CA CYS A 116 -21.79 -5.60 2.89
C CYS A 116 -21.58 -6.77 1.94
N THR A 117 -21.90 -8.00 2.36
CA THR A 117 -21.56 -9.23 1.59
C THR A 117 -22.82 -9.96 1.13
N HIS A 118 -23.96 -9.47 1.58
CA HIS A 118 -25.30 -10.10 1.44
C HIS A 118 -26.26 -9.10 0.85
N GLY A 119 -27.17 -9.57 0.00
CA GLY A 119 -28.22 -8.73 -0.58
C GLY A 119 -27.65 -7.77 -1.60
N GLY A 120 -26.66 -8.20 -2.40
CA GLY A 120 -26.02 -7.35 -3.43
C GLY A 120 -24.53 -7.60 -3.65
N PRO A 121 -23.91 -6.87 -4.61
CA PRO A 121 -22.49 -7.05 -4.88
C PRO A 121 -21.79 -6.57 -3.60
N VAL A 122 -20.53 -7.00 -3.40
CA VAL A 122 -19.70 -6.79 -2.16
C VAL A 122 -19.29 -5.32 -2.01
N LEU A 123 -19.58 -4.72 -0.86
CA LEU A 123 -19.17 -3.33 -0.58
C LEU A 123 -18.24 -3.39 0.62
N VAL A 124 -17.00 -2.92 0.45
CA VAL A 124 -15.91 -2.91 1.46
C VAL A 124 -15.71 -1.48 1.94
N ILE A 125 -15.99 -1.24 3.21
CA ILE A 125 -16.05 0.14 3.79
C ILE A 125 -14.76 0.35 4.60
N THR A 126 -14.04 1.44 4.35
CA THR A 126 -12.68 1.71 4.88
C THR A 126 -12.67 3.10 5.51
N GLU A 127 -11.69 3.41 6.35
CA GLU A 127 -11.38 4.82 6.69
C GLU A 127 -11.35 5.62 5.37
N TYR A 128 -11.92 6.82 5.36
CA TYR A 128 -11.70 7.84 4.29
C TYR A 128 -10.48 8.67 4.69
N CYS A 129 -9.44 8.71 3.86
CA CYS A 129 -8.19 9.46 4.16
C CYS A 129 -8.27 10.77 3.43
N CYS A 130 -8.53 11.86 4.16
CA CYS A 130 -9.14 13.08 3.56
C CYS A 130 -8.18 13.74 2.54
N TYR A 131 -6.87 13.44 2.56
CA TYR A 131 -5.87 14.10 1.68
C TYR A 131 -5.43 13.18 0.52
N GLY A 132 -5.98 11.99 0.41
CA GLY A 132 -5.77 11.16 -0.81
C GLY A 132 -4.36 10.63 -0.90
N ASP A 133 -3.91 10.26 -2.09
CA ASP A 133 -2.63 9.54 -2.29
C ASP A 133 -1.48 10.55 -2.08
N LEU A 134 -0.32 9.98 -1.74
CA LEU A 134 0.89 10.70 -1.36
C LEU A 134 1.60 11.17 -2.62
N LEU A 135 1.85 10.31 -3.61
CA LEU A 135 2.53 10.73 -4.86
C LEU A 135 1.90 12.05 -5.35
N ASN A 136 0.58 12.17 -5.32
CA ASN A 136 -0.06 13.45 -5.70
C ASN A 136 0.18 14.51 -4.65
N PHE A 137 -0.01 14.22 -3.37
CA PHE A 137 0.33 15.23 -2.33
C PHE A 137 1.77 15.73 -2.50
N LEU A 138 2.74 14.97 -3.02
CA LEU A 138 4.13 15.50 -3.15
C LEU A 138 4.26 16.36 -4.41
N ARG A 139 3.86 15.78 -5.54
CA ARG A 139 3.75 16.43 -6.88
C ARG A 139 3.01 17.80 -6.79
N ARG A 140 1.93 17.84 -5.99
CA ARG A 140 1.12 19.03 -5.60
C ARG A 140 2.05 20.13 -5.06
N LYS A 141 2.97 19.79 -4.16
CA LYS A 141 3.81 20.73 -3.36
C LYS A 141 5.22 20.89 -3.93
N SER A 142 5.55 20.39 -5.14
CA SER A 142 6.83 20.69 -5.85
C SER A 142 6.98 22.21 -6.00
N ARG A 163 11.17 17.80 8.52
CA ARG A 163 10.70 16.81 9.52
C ARG A 163 9.46 16.11 8.94
N ASP A 164 8.74 16.79 8.07
CA ASP A 164 7.45 16.27 7.55
C ASP A 164 7.72 15.01 6.72
N LEU A 165 8.73 15.08 5.86
CA LEU A 165 9.17 13.95 5.02
C LEU A 165 9.53 12.75 5.88
N LEU A 166 10.17 12.97 7.02
CA LEU A 166 10.59 11.93 7.99
C LEU A 166 9.36 11.30 8.69
N HIS A 167 8.36 12.08 9.08
CA HIS A 167 7.15 11.51 9.71
C HIS A 167 6.54 10.45 8.77
N PHE A 168 6.24 10.88 7.54
CA PHE A 168 5.72 10.02 6.45
C PHE A 168 6.48 8.71 6.39
N SER A 169 7.82 8.76 6.32
CA SER A 169 8.70 7.58 6.22
C SER A 169 8.51 6.69 7.47
N SER A 170 8.49 7.31 8.64
CA SER A 170 8.33 6.57 9.89
C SER A 170 6.98 5.84 9.83
N GLN A 171 5.89 6.63 9.73
CA GLN A 171 4.47 6.17 9.72
C GLN A 171 4.31 5.03 8.71
N VAL A 172 4.82 5.18 7.50
CA VAL A 172 4.66 4.09 6.51
C VAL A 172 5.37 2.86 7.05
N ALA A 173 6.57 3.06 7.60
CA ALA A 173 7.46 2.02 8.17
C ALA A 173 6.78 1.26 9.31
N GLN A 174 6.08 1.97 10.20
CA GLN A 174 5.25 1.42 11.32
C GLN A 174 4.16 0.48 10.77
N GLY A 175 3.34 1.00 9.86
CA GLY A 175 2.31 0.26 9.11
C GLY A 175 2.86 -1.02 8.49
N MET A 176 3.99 -0.95 7.79
CA MET A 176 4.53 -2.17 7.15
C MET A 176 5.02 -3.14 8.25
N ALA A 177 5.61 -2.65 9.34
CA ALA A 177 6.11 -3.48 10.44
C ALA A 177 4.96 -4.32 10.99
N PHE A 178 3.78 -3.71 11.06
CA PHE A 178 2.50 -4.37 11.44
C PHE A 178 2.15 -5.46 10.42
N LEU A 179 1.87 -5.11 9.17
CA LEU A 179 1.61 -6.13 8.14
C LEU A 179 2.66 -7.25 8.23
N ALA A 180 3.91 -6.90 8.58
CA ALA A 180 5.04 -7.84 8.63
C ALA A 180 4.83 -8.80 9.81
N SER A 181 4.34 -8.25 10.92
CA SER A 181 4.06 -8.98 12.18
C SER A 181 2.91 -9.98 11.98
N LYS A 182 2.17 -9.93 10.86
CA LYS A 182 1.09 -10.92 10.52
C LYS A 182 1.53 -11.77 9.33
N ASN A 183 2.77 -11.59 8.86
CA ASN A 183 3.38 -12.34 7.73
C ASN A 183 2.51 -12.18 6.49
N CYS A 184 1.98 -10.96 6.31
CA CYS A 184 1.15 -10.52 5.17
C CYS A 184 2.01 -9.80 4.12
N ILE A 185 2.41 -10.41 3.00
CA ILE A 185 3.20 -9.72 1.92
C ILE A 185 2.23 -8.79 1.18
N HIS A 186 2.68 -7.56 0.91
CA HIS A 186 1.90 -6.44 0.30
C HIS A 186 1.99 -6.43 -1.24
N ARG A 187 3.19 -6.59 -1.79
CA ARG A 187 3.42 -6.79 -3.24
C ARG A 187 3.31 -5.47 -4.06
N ASP A 188 2.68 -4.40 -3.56
CA ASP A 188 2.58 -3.12 -4.31
C ASP A 188 2.93 -1.92 -3.41
N VAL A 189 3.99 -2.02 -2.64
CA VAL A 189 4.41 -0.84 -1.83
C VAL A 189 4.93 0.23 -2.79
N ALA A 190 4.30 1.41 -2.74
CA ALA A 190 4.67 2.59 -3.53
C ALA A 190 3.85 3.77 -3.03
N ALA A 191 4.29 4.95 -3.41
CA ALA A 191 3.76 6.22 -2.89
C ALA A 191 2.31 6.37 -3.35
N ARG A 192 2.03 5.91 -4.58
CA ARG A 192 0.67 5.88 -5.16
C ARG A 192 -0.32 5.12 -4.24
N ASN A 193 0.15 4.14 -3.48
CA ASN A 193 -0.65 3.31 -2.56
C ASN A 193 -0.50 3.75 -1.09
N VAL A 194 0.02 4.94 -0.81
CA VAL A 194 0.05 5.51 0.57
C VAL A 194 -1.01 6.61 0.68
N LEU A 195 -1.71 6.66 1.80
CA LEU A 195 -2.78 7.65 1.93
C LEU A 195 -2.56 8.51 3.16
N LEU A 196 -3.13 9.71 3.12
CA LEU A 196 -2.94 10.84 4.07
C LEU A 196 -4.27 11.25 4.67
N THR A 197 -4.46 10.88 5.93
CA THR A 197 -5.68 11.19 6.72
C THR A 197 -5.40 12.45 7.50
N ASN A 198 -6.44 13.23 7.82
CA ASN A 198 -6.44 14.35 8.80
C ASN A 198 -5.14 14.38 9.59
N GLY A 199 -4.52 15.55 9.72
CA GLY A 199 -3.24 15.72 10.44
C GLY A 199 -2.09 15.00 9.73
N HIS A 200 -2.22 14.82 8.41
CA HIS A 200 -1.18 14.33 7.46
C HIS A 200 -0.48 13.10 8.01
N VAL A 201 -1.25 12.22 8.68
CA VAL A 201 -0.75 10.88 9.06
C VAL A 201 -0.94 9.96 7.86
N ALA A 202 0.13 9.27 7.52
CA ALA A 202 0.23 8.36 6.37
C ALA A 202 -0.18 6.95 6.83
N LYS A 203 -0.94 6.25 5.99
CA LYS A 203 -1.41 4.86 6.19
C LYS A 203 -1.13 4.09 4.93
N ILE A 204 -0.53 2.89 4.97
CA ILE A 204 -0.39 2.13 3.70
C ILE A 204 -1.78 1.63 3.36
N GLY A 205 -1.97 1.44 2.07
CA GLY A 205 -3.17 0.85 1.50
C GLY A 205 -2.84 0.19 0.20
N ASP A 206 -3.89 -0.23 -0.48
CA ASP A 206 -3.79 -0.81 -1.83
C ASP A 206 -5.14 -0.59 -2.50
N PHE A 207 -5.12 0.20 -3.59
CA PHE A 207 -6.32 0.59 -4.37
C PHE A 207 -6.84 -0.66 -5.12
N GLY A 208 -5.97 -1.66 -5.36
CA GLY A 208 -6.31 -2.93 -6.07
C GLY A 208 -7.08 -2.66 -7.36
N LEU A 209 -8.34 -3.14 -7.41
CA LEU A 209 -9.23 -3.14 -8.61
C LEU A 209 -9.71 -1.74 -8.92
N ALA A 210 -9.60 -0.81 -7.96
CA ALA A 210 -10.00 0.61 -8.10
C ALA A 210 -8.85 1.47 -8.63
N ARG A 211 -7.89 0.86 -9.32
CA ARG A 211 -6.78 1.55 -10.02
C ARG A 211 -6.74 1.05 -11.48
N ASP A 212 -6.55 1.97 -12.44
CA ASP A 212 -6.36 1.68 -13.88
C ASP A 212 -4.93 1.18 -14.14
N ILE A 213 -4.58 0.01 -13.63
CA ILE A 213 -3.28 -0.70 -13.82
C ILE A 213 -3.03 -0.92 -15.32
N MET A 214 -4.12 -1.16 -16.04
CA MET A 214 -4.13 -1.50 -17.47
C MET A 214 -3.69 -0.31 -18.32
N ASN A 215 -4.10 0.90 -17.96
CA ASN A 215 -3.68 2.11 -18.68
C ASN A 215 -2.58 2.89 -17.93
N ASP A 216 -1.86 2.26 -16.99
CA ASP A 216 -0.79 2.93 -16.19
C ASP A 216 0.60 2.35 -16.56
N SER A 217 1.46 3.16 -17.20
CA SER A 217 2.74 2.74 -17.82
C SER A 217 3.73 2.24 -16.75
N ASN A 218 3.50 2.55 -15.48
CA ASN A 218 4.38 2.04 -14.39
C ASN A 218 4.17 0.53 -14.21
N TYR A 219 3.04 -0.05 -14.66
CA TYR A 219 2.72 -1.51 -14.64
C TYR A 219 2.99 -2.12 -16.02
N ILE A 220 4.06 -2.90 -16.10
CA ILE A 220 4.55 -3.60 -17.32
C ILE A 220 3.82 -4.94 -17.43
N VAL A 221 3.43 -5.23 -18.66
CA VAL A 221 2.90 -6.55 -19.06
C VAL A 221 4.11 -7.48 -19.05
N LYS A 222 3.96 -8.63 -18.40
CA LYS A 222 5.01 -9.68 -18.30
C LYS A 222 4.24 -11.01 -18.23
N GLY A 223 3.70 -11.43 -19.37
CA GLY A 223 2.72 -12.53 -19.53
C GLY A 223 2.00 -12.88 -18.23
N LEU A 227 2.25 -5.78 -13.54
CA LEU A 227 3.47 -5.71 -12.64
C LEU A 227 4.22 -4.36 -12.62
N PRO A 228 4.44 -3.75 -11.43
CA PRO A 228 5.18 -2.48 -11.28
C PRO A 228 6.71 -2.65 -11.17
N VAL A 229 7.33 -2.99 -12.30
CA VAL A 229 8.74 -3.45 -12.37
C VAL A 229 9.72 -2.51 -11.63
N LYS A 230 9.62 -1.19 -11.83
CA LYS A 230 10.51 -0.20 -11.16
C LYS A 230 10.47 -0.31 -9.62
N TRP A 231 9.45 -0.93 -9.01
CA TRP A 231 9.33 -1.02 -7.52
C TRP A 231 9.74 -2.41 -6.98
N MET A 232 10.01 -3.35 -7.88
CA MET A 232 10.06 -4.77 -7.50
C MET A 232 11.49 -5.15 -7.12
N ALA A 233 11.63 -6.03 -6.14
CA ALA A 233 12.93 -6.63 -5.83
C ALA A 233 13.33 -7.57 -6.96
N PRO A 234 14.63 -7.80 -7.18
CA PRO A 234 15.06 -8.71 -8.24
C PRO A 234 14.49 -10.12 -8.06
N GLU A 235 14.48 -10.68 -6.86
CA GLU A 235 13.91 -12.03 -6.65
C GLU A 235 12.43 -12.04 -7.09
N SER A 236 11.66 -10.99 -6.84
CA SER A 236 10.28 -10.86 -7.35
C SER A 236 10.26 -10.82 -8.88
N ILE A 237 11.21 -10.17 -9.54
CA ILE A 237 11.16 -10.02 -11.02
C ILE A 237 11.45 -11.39 -11.64
N PHE A 238 12.74 -11.78 -11.52
CA PHE A 238 13.47 -12.84 -12.27
C PHE A 238 12.95 -14.25 -11.95
N ASP A 239 12.34 -14.39 -10.75
CA ASP A 239 12.04 -15.67 -10.05
C ASP A 239 10.66 -15.65 -9.36
N CYS A 240 9.72 -14.81 -9.77
CA CYS A 240 8.36 -14.74 -9.17
C CYS A 240 8.33 -14.99 -7.65
N VAL A 241 9.43 -14.76 -6.92
CA VAL A 241 9.50 -14.83 -5.42
C VAL A 241 9.05 -13.47 -4.83
N TYR A 242 8.25 -13.49 -3.76
CA TYR A 242 7.63 -12.29 -3.14
C TYR A 242 7.57 -12.35 -1.58
N THR A 243 8.59 -11.83 -0.89
CA THR A 243 8.67 -11.82 0.59
C THR A 243 8.45 -10.43 1.18
N VAL A 244 8.40 -10.38 2.50
CA VAL A 244 8.49 -9.12 3.28
C VAL A 244 9.83 -8.45 2.96
N GLN A 245 10.85 -9.24 2.67
CA GLN A 245 12.19 -8.66 2.35
C GLN A 245 12.10 -7.98 0.98
N SER A 246 11.25 -8.47 0.07
CA SER A 246 10.92 -7.82 -1.22
C SER A 246 10.23 -6.50 -0.93
N ASP A 247 9.29 -6.53 0.02
CA ASP A 247 8.51 -5.31 0.32
C ASP A 247 9.46 -4.25 0.92
N VAL A 248 10.55 -4.67 1.55
CA VAL A 248 11.54 -3.70 2.11
C VAL A 248 12.20 -2.97 0.94
N TRP A 249 12.67 -3.72 -0.03
CA TRP A 249 13.14 -3.21 -1.33
C TRP A 249 12.17 -2.18 -1.87
N SER A 250 10.91 -2.55 -2.03
CA SER A 250 9.90 -1.64 -2.61
C SER A 250 9.81 -0.43 -1.69
N TYR A 251 9.91 -0.64 -0.38
CA TYR A 251 9.88 0.47 0.61
C TYR A 251 11.13 1.36 0.42
N GLY A 252 12.24 0.78 -0.05
CA GLY A 252 13.40 1.58 -0.50
C GLY A 252 12.96 2.54 -1.57
N ILE A 253 12.35 2.00 -2.62
CA ILE A 253 11.94 2.80 -3.81
C ILE A 253 10.96 3.87 -3.34
N LEU A 254 10.16 3.54 -2.35
CA LEU A 254 9.17 4.53 -1.86
C LEU A 254 9.90 5.70 -1.17
N LEU A 255 10.93 5.44 -0.35
CA LEU A 255 11.74 6.52 0.30
C LEU A 255 12.32 7.44 -0.78
N TRP A 256 12.94 6.86 -1.80
CA TRP A 256 13.44 7.68 -2.94
C TRP A 256 12.29 8.51 -3.52
N GLU A 257 11.08 7.98 -3.64
CA GLU A 257 9.88 8.82 -3.82
C GLU A 257 9.70 9.63 -2.53
N PHE A 259 11.08 11.79 -1.00
CA PHE A 259 12.42 12.48 -0.88
C PHE A 259 13.02 13.03 -2.21
N SER A 260 12.69 12.47 -3.37
CA SER A 260 12.74 13.16 -4.69
C SER A 260 11.53 14.08 -4.85
N LEU A 261 10.68 14.24 -3.84
CA LEU A 261 9.35 14.92 -3.90
C LEU A 261 8.48 14.42 -5.05
N GLY A 262 8.48 13.12 -5.33
CA GLY A 262 7.49 12.49 -6.22
C GLY A 262 8.05 12.21 -7.61
N LEU A 263 9.34 11.98 -7.80
CA LEU A 263 9.82 11.68 -9.19
C LEU A 263 9.54 10.21 -9.50
N ASN A 264 9.36 9.93 -10.80
CA ASN A 264 9.25 8.57 -11.35
C ASN A 264 10.61 7.96 -11.09
N PRO A 265 10.67 6.77 -10.47
CA PRO A 265 11.94 6.06 -10.30
C PRO A 265 12.77 5.96 -11.60
N TYR A 266 14.08 5.71 -11.47
CA TYR A 266 15.01 5.45 -12.58
C TYR A 266 14.72 6.43 -13.71
N PRO A 267 14.68 7.76 -13.38
CA PRO A 267 14.06 8.76 -14.25
C PRO A 267 14.77 8.71 -15.61
N GLY A 268 13.98 8.78 -16.67
CA GLY A 268 14.46 8.62 -18.06
C GLY A 268 15.03 7.24 -18.38
N ILE A 269 14.91 6.23 -17.53
CA ILE A 269 15.38 4.87 -17.95
C ILE A 269 14.16 4.03 -18.32
N LEU A 270 14.13 3.57 -19.58
CA LEU A 270 13.08 2.70 -20.16
C LEU A 270 13.26 1.31 -19.57
N VAL A 271 12.14 0.61 -19.31
CA VAL A 271 12.12 -0.79 -18.81
C VAL A 271 12.32 -1.72 -20.01
N ASN A 272 13.45 -2.42 -20.09
CA ASN A 272 13.73 -3.33 -21.23
C ASN A 272 14.92 -4.22 -20.85
N SER A 273 15.43 -5.00 -21.81
CA SER A 273 16.58 -5.89 -21.56
C SER A 273 17.60 -5.12 -20.72
N LYS A 274 18.01 -3.93 -21.20
CA LYS A 274 19.06 -3.11 -20.56
C LYS A 274 18.73 -2.89 -19.08
N PHE A 275 17.49 -2.52 -18.74
CA PHE A 275 17.10 -2.20 -17.34
C PHE A 275 17.22 -3.43 -16.43
N TYR A 276 16.80 -4.62 -16.87
CA TYR A 276 16.92 -5.82 -16.00
C TYR A 276 18.41 -6.11 -15.69
N LYS A 277 19.32 -5.99 -16.67
CA LYS A 277 20.78 -6.28 -16.47
C LYS A 277 21.32 -5.33 -15.42
N LEU A 278 20.97 -4.05 -15.56
CA LEU A 278 21.39 -2.91 -14.68
C LEU A 278 21.11 -3.26 -13.22
N VAL A 279 19.96 -3.85 -12.96
CA VAL A 279 19.49 -3.98 -11.56
C VAL A 279 20.06 -5.28 -10.98
N LYS A 280 20.30 -6.30 -11.83
CA LYS A 280 20.97 -7.56 -11.41
C LYS A 280 22.44 -7.26 -11.09
N ASP A 281 23.13 -6.54 -11.98
CA ASP A 281 24.53 -6.08 -11.78
C ASP A 281 24.59 -5.01 -10.70
N GLY A 282 23.51 -4.80 -9.94
CA GLY A 282 23.51 -3.98 -8.71
C GLY A 282 23.52 -2.47 -8.92
N TYR A 283 22.93 -1.90 -9.97
CA TYR A 283 22.81 -0.42 -10.11
C TYR A 283 21.85 0.09 -9.03
N GLN A 284 22.11 1.27 -8.49
CA GLN A 284 21.20 1.90 -7.50
C GLN A 284 20.92 3.32 -7.97
N MET A 285 19.69 3.76 -7.89
CA MET A 285 19.41 5.20 -8.01
C MET A 285 20.31 5.98 -7.05
N ALA A 286 20.68 7.17 -7.47
CA ALA A 286 21.49 8.15 -6.72
C ALA A 286 20.65 8.73 -5.59
N GLN A 287 21.29 9.38 -4.63
CA GLN A 287 20.61 10.09 -3.53
C GLN A 287 19.73 11.18 -4.11
N PRO A 288 18.44 11.19 -3.75
CA PRO A 288 17.59 12.35 -3.93
C PRO A 288 18.11 13.66 -3.31
N ALA A 289 17.78 14.78 -3.96
CA ALA A 289 18.06 16.17 -3.53
C ALA A 289 17.77 16.35 -2.04
N PHE A 290 16.60 15.94 -1.59
CA PHE A 290 16.08 16.34 -0.26
C PHE A 290 16.31 15.22 0.75
N ALA A 291 17.12 14.21 0.40
CA ALA A 291 17.46 13.09 1.29
C ALA A 291 18.61 13.49 2.20
N PRO A 292 18.45 13.47 3.56
CA PRO A 292 19.61 13.34 4.46
C PRO A 292 20.41 12.06 4.15
N LYS A 293 21.75 12.11 4.32
CA LYS A 293 22.70 11.04 3.95
C LYS A 293 22.26 9.74 4.64
N ASN A 294 21.88 9.85 5.91
CA ASN A 294 21.48 8.69 6.77
C ASN A 294 20.39 7.90 6.09
N ILE A 295 19.44 8.65 5.53
CA ILE A 295 18.18 8.19 4.90
C ILE A 295 18.55 7.48 3.61
N TYR A 296 19.53 7.98 2.89
CA TYR A 296 19.94 7.31 1.64
C TYR A 296 20.62 5.99 2.00
N SER A 297 21.26 5.94 3.18
CA SER A 297 21.89 4.72 3.76
C SER A 297 20.85 3.60 4.01
N ILE A 298 19.68 3.99 4.50
CA ILE A 298 18.48 3.10 4.56
C ILE A 298 18.10 2.57 3.18
N MET A 299 18.03 3.45 2.17
CA MET A 299 17.59 3.05 0.82
C MET A 299 18.60 2.04 0.29
N GLN A 300 19.90 2.28 0.47
CA GLN A 300 20.98 1.43 -0.10
C GLN A 300 20.98 0.09 0.64
N ALA A 301 20.59 0.14 1.92
CA ALA A 301 20.40 -1.04 2.78
C ALA A 301 19.27 -1.87 2.22
N CYS A 302 18.07 -1.27 2.08
CA CYS A 302 16.86 -1.86 1.42
C CYS A 302 17.14 -2.40 0.02
N TRP A 303 18.04 -1.81 -0.78
CA TRP A 303 18.37 -2.28 -2.18
C TRP A 303 19.60 -3.22 -2.17
N ALA A 304 19.87 -3.90 -1.08
CA ALA A 304 20.83 -5.03 -1.03
C ALA A 304 20.29 -6.19 -1.86
N LEU A 305 21.10 -6.80 -2.71
CA LEU A 305 20.66 -7.90 -3.62
C LEU A 305 20.30 -9.17 -2.83
N GLU A 306 21.04 -9.50 -1.77
CA GLU A 306 20.67 -10.64 -0.90
C GLU A 306 19.49 -10.18 -0.03
N PRO A 307 18.30 -10.79 -0.18
CA PRO A 307 17.14 -10.43 0.65
C PRO A 307 17.40 -10.36 2.16
N THR A 308 18.27 -11.23 2.65
CA THR A 308 18.50 -11.36 4.12
C THR A 308 19.44 -10.24 4.58
N HIS A 309 20.27 -9.75 3.68
CA HIS A 309 21.19 -8.63 3.95
C HIS A 309 20.36 -7.36 4.08
N ARG A 310 19.15 -7.32 3.53
CA ARG A 310 18.29 -6.13 3.70
C ARG A 310 17.76 -6.12 5.12
N PRO A 311 17.54 -4.94 5.75
CA PRO A 311 16.97 -4.85 7.09
C PRO A 311 15.50 -5.31 7.17
N THR A 312 14.86 -5.08 8.31
CA THR A 312 13.46 -5.47 8.55
C THR A 312 12.71 -4.19 8.89
N PHE A 313 11.39 -4.19 8.71
CA PHE A 313 10.57 -3.00 9.01
C PHE A 313 10.85 -2.63 10.48
N GLN A 314 11.10 -3.63 11.35
CA GLN A 314 11.39 -3.41 12.78
C GLN A 314 12.61 -2.50 12.88
N GLN A 315 13.71 -2.94 12.27
CA GLN A 315 14.98 -2.20 12.34
C GLN A 315 14.71 -0.78 11.81
N ILE A 316 14.22 -0.66 10.59
CA ILE A 316 13.98 0.65 9.93
C ILE A 316 13.22 1.57 10.90
N CYS A 317 12.14 1.10 11.52
CA CYS A 317 11.30 1.95 12.42
C CYS A 317 12.17 2.59 13.50
N SER A 318 13.09 1.79 14.06
CA SER A 318 14.04 2.13 15.17
C SER A 318 15.08 3.14 14.68
N PHE A 319 15.75 2.85 13.55
CA PHE A 319 16.74 3.78 13.00
C PHE A 319 16.05 5.11 12.73
N LEU A 320 14.79 5.06 12.29
CA LEU A 320 13.96 6.25 12.00
C LEU A 320 13.63 6.98 13.32
N GLN A 321 13.25 6.26 14.36
CA GLN A 321 12.96 6.79 15.71
C GLN A 321 14.16 7.63 16.23
N GLU A 322 15.39 7.10 16.14
CA GLU A 322 16.62 7.81 16.60
C GLU A 322 16.75 9.14 15.84
N GLN A 323 16.73 9.07 14.50
CA GLN A 323 16.97 10.21 13.58
C GLN A 323 15.89 11.30 13.76
N ALA A 324 14.88 11.08 14.60
CA ALA A 324 13.70 11.97 14.77
C ALA A 324 13.97 13.11 15.77
N GLN A 325 14.54 12.83 16.95
CA GLN A 325 14.80 13.85 18.02
C GLN A 325 16.08 14.64 17.69
N GLU A 326 17.02 14.02 16.96
CA GLU A 326 18.20 14.70 16.35
C GLU A 326 17.69 15.72 15.30
N ASP A 327 16.40 15.68 14.95
CA ASP A 327 15.69 16.68 14.09
C ASP A 327 14.42 17.18 14.81
CBD UF4 B . -10.35 13.83 -2.12
CBC UF4 B . -8.95 13.24 -2.44
CBF UF4 B . -7.94 13.75 -1.41
NBE UF4 B . -8.51 13.59 -3.80
CBB UF4 B . -9.04 11.68 -2.30
CAZ UF4 B . -9.14 10.37 -2.06
CAW UF4 B . -9.25 9.04 -1.64
CAV UF4 B . -9.36 8.84 -0.25
CAX UF4 B . -9.26 7.95 -2.49
NAY UF4 B . -9.38 6.68 -1.89
CAU UF4 B . -9.49 6.56 -0.55
CAT UF4 B . -9.49 7.63 0.27
NAS UF4 B . -9.60 7.21 1.56
CAR UF4 B . -9.68 5.88 1.53
NAH UF4 B . -9.59 5.48 0.24
CAG UF4 B . -9.71 4.24 -0.47
CAA UF4 B . -8.87 3.18 -0.12
CAF UF4 B . -9.42 1.94 0.21
CAB UF4 B . -7.48 3.29 -0.22
CAC UF4 B . -6.63 2.23 0.08
CAD UF4 B . -7.19 1.03 0.44
OAI UF4 B . -6.36 0.02 0.74
CAE UF4 B . -8.59 0.87 0.50
OBG UF4 B . -9.13 -0.35 0.87
CBH UF4 B . -8.26 -0.81 1.89
CAJ UF4 B . -7.00 -1.16 1.18
CAK UF4 B . -6.09 -1.91 1.88
CAL UF4 B . -5.54 -2.98 1.19
NAM UF4 B . -4.62 -3.79 1.75
CAP UF4 B . -5.72 -1.62 3.15
CAO UF4 B . -4.79 -2.46 3.70
CAN UF4 B . -4.24 -3.52 2.97
OAQ UF4 B . -3.31 -4.33 3.60
CBA UF4 B . -2.33 -5.12 2.87
#